data_5N0N
#
_entry.id   5N0N
#
_cell.length_a   87.304
_cell.length_b   93.664
_cell.length_c   165.331
_cell.angle_alpha   90.00
_cell.angle_beta   90.00
_cell.angle_gamma   90.00
#
_symmetry.space_group_name_H-M   'I 2 2 2'
#
loop_
_entity.id
_entity.type
_entity.pdbx_description
1 polymer 'Peptide N-methyltransferase'
2 non-polymer S-ADENOSYL-L-HOMOCYSTEINE
3 non-polymer '{[-(BIS-CARBOXYMETHYL-AMINO)-ETHYL]-CARBOXYMETHYL-AMINO}-ACETIC ACID'
4 non-polymer 'MAGNESIUM ION'
5 water water
#
_entity_poly.entity_id   1
_entity_poly.type   'polypeptide(L)'
_entity_poly.pdbx_seq_one_letter_code
;GTSTQTKAGSLTIVGTGIESIGQMTLQALSYIEAAAKVFYCVIDPATEAFILTKNKNCVDLFQYYDNGKSRLNTYTQMSE
LMVREVRKGLDVVGVFYGHPGVFVNPSHRALAIAKSEGYRARMLPGVSAEDCLFADLCIDPSNPGCLTYEASDFLIRDRP
VSIHSHLVLFQVG(CSO)VGIADFNFTGFDNNKFGVLVDRLEQEYGAEHPVVHYIAAMMPHQDPVTDKYTVAQLREPEIA
KRVGGVSTFYIPPKARKASNLDIIRRLELLPAGQVPDKKARIYPANQWEPDVPEVEPYRPSDQAAIAQLADHAPPEQYQP
LATSKAMSDVMTKLALDPKALADYKADHRAFAQSVPDLTPQERAALELGDSWAIRCAMKNMPSSLLDAARESGEEASQNG
FPW(MVA)I(MVA)VGVIGVIG
;
_entity_poly.pdbx_strand_id   A
#
# COMPACT_ATOMS: atom_id res chain seq x y z
N GLN A 5 3.56 24.29 -24.99
CA GLN A 5 4.14 22.98 -24.54
C GLN A 5 3.49 22.50 -23.23
N THR A 6 3.79 23.18 -22.13
CA THR A 6 3.32 22.79 -20.80
C THR A 6 2.59 23.96 -20.15
N LYS A 7 1.28 23.80 -19.95
CA LYS A 7 0.47 24.84 -19.32
C LYS A 7 0.63 24.84 -17.80
N ALA A 8 0.38 25.99 -17.20
CA ALA A 8 0.54 26.18 -15.77
C ALA A 8 -0.55 25.43 -15.00
N GLY A 9 -0.17 24.86 -13.87
CA GLY A 9 -1.12 24.20 -12.96
C GLY A 9 -0.86 22.72 -12.89
N SER A 10 -0.96 22.17 -11.68
CA SER A 10 -0.80 20.74 -11.47
C SER A 10 -1.57 20.26 -10.24
N LEU A 11 -1.93 18.98 -10.25
CA LEU A 11 -2.59 18.33 -9.11
C LEU A 11 -1.80 17.08 -8.73
N THR A 12 -1.36 17.04 -7.48
CA THR A 12 -0.73 15.86 -6.88
C THR A 12 -1.57 15.45 -5.67
N ILE A 13 -2.05 14.20 -5.66
CA ILE A 13 -2.82 13.67 -4.54
C ILE A 13 -1.94 12.71 -3.75
N VAL A 14 -1.86 12.91 -2.43
CA VAL A 14 -0.99 12.12 -1.52
C VAL A 14 -1.77 11.57 -0.32
N GLY A 15 -1.17 10.59 0.36
CA GLY A 15 -1.74 9.98 1.56
C GLY A 15 -1.01 10.34 2.84
N THR A 16 -1.66 10.12 3.99
CA THR A 16 -0.99 10.25 5.30
C THR A 16 -0.71 8.92 6.02
N GLY A 17 -1.17 7.80 5.48
CA GLY A 17 -1.18 6.55 6.26
C GLY A 17 -2.24 6.56 7.34
N ILE A 18 -2.24 5.54 8.19
CA ILE A 18 -3.30 5.38 9.21
C ILE A 18 -2.89 5.88 10.59
N GLU A 19 -1.72 5.45 11.06
CA GLU A 19 -1.20 5.87 12.37
C GLU A 19 -0.64 7.30 12.29
N SER A 20 -1.09 8.16 13.21
CA SER A 20 -0.81 9.61 13.20
C SER A 20 0.65 9.96 12.91
N ILE A 21 0.86 10.75 11.86
CA ILE A 21 2.14 11.35 11.47
C ILE A 21 3.21 10.35 10.97
N GLY A 22 3.53 9.34 11.78
CA GLY A 22 4.58 8.37 11.44
C GLY A 22 4.43 7.59 10.14
N GLN A 23 3.20 7.35 9.69
CA GLN A 23 2.95 6.57 8.47
C GLN A 23 2.85 7.40 7.18
N MET A 24 3.12 8.70 7.26
CA MET A 24 3.32 9.54 6.06
C MET A 24 4.66 9.22 5.39
N THR A 25 4.71 9.23 4.06
CA THR A 25 5.95 8.98 3.31
C THR A 25 6.75 10.26 3.19
N LEU A 26 8.05 10.12 3.00
CA LEU A 26 8.93 11.28 2.84
C LEU A 26 8.50 12.16 1.66
N GLN A 27 8.11 11.54 0.55
CA GLN A 27 7.67 12.30 -0.64
C GLN A 27 6.33 13.00 -0.41
N ALA A 28 5.39 12.37 0.31
CA ALA A 28 4.11 13.05 0.64
C ALA A 28 4.38 14.34 1.42
N LEU A 29 5.24 14.26 2.43
CA LEU A 29 5.66 15.46 3.18
C LEU A 29 6.29 16.53 2.29
N SER A 30 7.23 16.16 1.41
CA SER A 30 7.90 17.14 0.56
C SER A 30 6.95 17.86 -0.42
N TYR A 31 5.97 17.15 -0.96
CA TYR A 31 4.98 17.78 -1.86
C TYR A 31 4.01 18.70 -1.09
N ILE A 32 3.61 18.30 0.13
CA ILE A 32 2.79 19.18 1.00
C ILE A 32 3.52 20.52 1.27
N GLU A 33 4.82 20.44 1.60
CA GLU A 33 5.62 21.65 1.87
C GLU A 33 5.80 22.54 0.62
N ALA A 34 5.95 21.94 -0.56
CA ALA A 34 6.16 22.70 -1.80
C ALA A 34 4.90 23.33 -2.41
N ALA A 35 3.72 22.86 -2.02
CA ALA A 35 2.45 23.27 -2.65
C ALA A 35 2.08 24.74 -2.47
N ALA A 36 1.39 25.30 -3.46
CA ALA A 36 0.78 26.64 -3.34
C ALA A 36 -0.49 26.61 -2.50
N LYS A 37 -1.26 25.52 -2.61
CA LYS A 37 -2.50 25.31 -1.86
C LYS A 37 -2.68 23.83 -1.50
N VAL A 38 -3.14 23.57 -0.27
CA VAL A 38 -3.33 22.21 0.26
C VAL A 38 -4.80 22.02 0.67
N PHE A 39 -5.42 20.92 0.21
CA PHE A 39 -6.75 20.49 0.63
C PHE A 39 -6.63 19.12 1.32
N TYR A 40 -7.25 18.95 2.49
CA TYR A 40 -7.05 17.72 3.28
C TYR A 40 -8.32 17.11 3.88
N CYS A 41 -8.27 15.77 4.02
CA CYS A 41 -9.33 15.01 4.66
C CYS A 41 -8.68 13.90 5.52
N VAL A 42 -8.58 14.14 6.83
CA VAL A 42 -7.90 13.20 7.78
C VAL A 42 -8.81 12.94 8.98
N ILE A 43 -8.55 11.88 9.76
CA ILE A 43 -9.40 11.63 10.95
C ILE A 43 -8.82 12.23 12.23
N ASP A 44 -7.52 12.07 12.47
CA ASP A 44 -7.00 12.46 13.79
C ASP A 44 -6.43 13.89 13.82
N PRO A 45 -6.62 14.58 14.96
CA PRO A 45 -6.21 15.99 15.05
C PRO A 45 -4.71 16.24 15.12
N ALA A 46 -3.92 15.28 15.58
CA ALA A 46 -2.46 15.45 15.60
C ALA A 46 -1.90 15.52 14.17
N THR A 47 -2.42 14.68 13.28
CA THR A 47 -2.05 14.73 11.85
C THR A 47 -2.48 16.06 11.21
N GLU A 48 -3.70 16.52 11.52
CA GLU A 48 -4.19 17.83 11.04
C GLU A 48 -3.25 18.97 11.49
N ALA A 49 -2.92 19.01 12.77
CA ALA A 49 -2.04 20.06 13.31
C ALA A 49 -0.65 20.03 12.64
N PHE A 50 -0.12 18.83 12.41
CA PHE A 50 1.18 18.61 11.74
C PHE A 50 1.16 19.21 10.33
N ILE A 51 0.13 18.90 9.54
CA ILE A 51 -0.03 19.46 8.18
C ILE A 51 -0.03 20.99 8.16
N LEU A 52 -0.77 21.60 9.10
CA LEU A 52 -0.84 23.07 9.20
C LEU A 52 0.49 23.74 9.55
N THR A 53 1.40 23.02 10.23
CA THR A 53 2.77 23.54 10.45
C THR A 53 3.64 23.49 9.18
N LYS A 54 3.24 22.70 8.18
CA LYS A 54 4.05 22.48 6.96
C LYS A 54 3.67 23.33 5.75
N ASN A 55 2.48 23.93 5.76
CA ASN A 55 2.06 24.82 4.68
C ASN A 55 1.10 25.90 5.23
N LYS A 56 1.26 27.12 4.74
CA LYS A 56 0.49 28.28 5.23
C LYS A 56 -0.91 28.44 4.63
N ASN A 57 -1.24 27.63 3.60
CA ASN A 57 -2.49 27.80 2.85
C ASN A 57 -3.24 26.46 2.72
N CYS A 58 -3.91 26.04 3.80
CA CYS A 58 -4.61 24.76 3.87
C CYS A 58 -6.12 24.95 4.04
N VAL A 59 -6.89 24.00 3.50
CA VAL A 59 -8.36 23.97 3.61
C VAL A 59 -8.82 22.57 4.02
N ASP A 60 -9.62 22.47 5.08
CA ASP A 60 -10.20 21.19 5.54
C ASP A 60 -11.42 20.84 4.67
N LEU A 61 -11.34 19.75 3.92
CA LEU A 61 -12.47 19.25 3.11
C LEU A 61 -13.63 18.65 3.91
N PHE A 62 -13.39 18.29 5.18
CA PHE A 62 -14.42 17.70 6.03
C PHE A 62 -15.62 18.64 6.28
N GLN A 63 -15.42 19.95 6.18
CA GLN A 63 -16.50 20.92 6.30
C GLN A 63 -17.60 20.85 5.21
N TYR A 64 -17.38 20.08 4.14
CA TYR A 64 -18.35 19.91 3.04
C TYR A 64 -19.29 18.71 3.17
N TYR A 65 -19.13 17.92 4.23
CA TYR A 65 -20.17 16.97 4.69
C TYR A 65 -21.28 17.75 5.44
N ASP A 66 -22.50 17.23 5.43
CA ASP A 66 -23.56 17.74 6.32
C ASP A 66 -24.65 16.69 6.57
N ASN A 67 -25.41 16.88 7.66
CA ASN A 67 -26.50 15.97 8.02
C ASN A 67 -27.53 15.86 6.90
N GLY A 68 -27.79 14.62 6.45
CA GLY A 68 -28.76 14.36 5.39
C GLY A 68 -28.35 14.78 3.97
N LYS A 69 -27.10 15.20 3.80
CA LYS A 69 -26.57 15.65 2.50
C LYS A 69 -25.96 14.41 1.87
N SER A 70 -26.29 14.14 0.61
N SER A 70 -26.31 14.16 0.61
CA SER A 70 -25.80 12.97 -0.09
CA SER A 70 -25.78 13.01 -0.14
C SER A 70 -24.28 13.05 -0.24
C SER A 70 -24.26 13.07 -0.22
N ARG A 71 -23.60 11.94 0.01
CA ARG A 71 -22.13 11.87 -0.05
C ARG A 71 -21.60 12.16 -1.46
N LEU A 72 -22.36 11.78 -2.48
CA LEU A 72 -21.99 12.10 -3.88
C LEU A 72 -21.90 13.60 -4.18
N ASN A 73 -22.85 14.38 -3.64
CA ASN A 73 -22.79 15.85 -3.75
C ASN A 73 -21.60 16.44 -3.00
N THR A 74 -21.29 15.91 -1.82
CA THR A 74 -20.07 16.28 -1.10
C THR A 74 -18.81 15.96 -1.94
N TYR A 75 -18.76 14.78 -2.56
CA TYR A 75 -17.57 14.38 -3.33
C TYR A 75 -17.38 15.22 -4.61
N THR A 76 -18.49 15.59 -5.27
CA THR A 76 -18.43 16.52 -6.41
C THR A 76 -17.84 17.86 -5.99
N GLN A 77 -18.28 18.38 -4.84
CA GLN A 77 -17.78 19.64 -4.30
C GLN A 77 -16.29 19.58 -3.92
N MET A 78 -15.89 18.52 -3.21
CA MET A 78 -14.48 18.31 -2.84
C MET A 78 -13.56 18.32 -4.08
N SER A 79 -13.96 17.58 -5.12
N SER A 79 -13.96 17.58 -5.11
CA SER A 79 -13.17 17.52 -6.36
CA SER A 79 -13.22 17.51 -6.38
C SER A 79 -13.11 18.87 -7.08
C SER A 79 -13.11 18.89 -7.05
N GLU A 80 -14.23 19.60 -7.11
CA GLU A 80 -14.27 20.92 -7.79
C GLU A 80 -13.42 21.99 -7.10
N LEU A 81 -13.39 21.98 -5.76
CA LEU A 81 -12.53 22.91 -5.01
C LEU A 81 -11.03 22.77 -5.40
N MET A 82 -10.58 21.53 -5.60
CA MET A 82 -9.20 21.27 -6.02
C MET A 82 -8.94 21.69 -7.48
N VAL A 83 -9.81 21.26 -8.39
N VAL A 83 -9.81 21.27 -8.40
CA VAL A 83 -9.62 21.53 -9.83
CA VAL A 83 -9.60 21.54 -9.84
C VAL A 83 -9.71 23.03 -10.17
C VAL A 83 -9.78 23.01 -10.23
N ARG A 84 -10.58 23.78 -9.48
CA ARG A 84 -10.66 25.25 -9.64
C ARG A 84 -9.29 25.93 -9.46
N GLU A 85 -8.53 25.51 -8.44
CA GLU A 85 -7.21 26.10 -8.17
C GLU A 85 -6.16 25.64 -9.19
N VAL A 86 -6.29 24.43 -9.71
CA VAL A 86 -5.43 23.94 -10.80
C VAL A 86 -5.63 24.80 -12.07
N ARG A 87 -6.89 25.11 -12.39
CA ARG A 87 -7.22 25.95 -13.57
C ARG A 87 -6.64 27.37 -13.47
N LYS A 88 -6.44 27.87 -12.25
CA LYS A 88 -5.79 29.17 -12.01
C LYS A 88 -4.27 29.17 -12.19
N GLY A 89 -3.67 27.99 -12.43
CA GLY A 89 -2.24 27.85 -12.66
C GLY A 89 -1.42 27.51 -11.43
N LEU A 90 -2.07 27.07 -10.35
CA LEU A 90 -1.38 26.76 -9.10
C LEU A 90 -0.96 25.30 -9.00
N ASP A 91 0.11 25.03 -8.25
CA ASP A 91 0.50 23.67 -7.89
C ASP A 91 -0.29 23.28 -6.64
N VAL A 92 -1.26 22.38 -6.82
CA VAL A 92 -2.24 22.02 -5.80
C VAL A 92 -1.93 20.62 -5.27
N VAL A 93 -2.04 20.43 -3.96
CA VAL A 93 -1.91 19.10 -3.33
C VAL A 93 -3.17 18.76 -2.54
N GLY A 94 -3.73 17.58 -2.81
CA GLY A 94 -4.83 17.02 -2.04
C GLY A 94 -4.31 15.91 -1.15
N VAL A 95 -4.80 15.84 0.08
CA VAL A 95 -4.30 14.91 1.10
C VAL A 95 -5.47 14.10 1.68
N PHE A 96 -5.42 12.77 1.58
CA PHE A 96 -6.43 11.88 2.18
C PHE A 96 -5.76 10.88 3.10
N TYR A 97 -6.41 10.50 4.19
CA TYR A 97 -5.81 9.51 5.10
C TYR A 97 -5.65 8.13 4.46
N GLY A 98 -4.67 7.39 4.96
CA GLY A 98 -4.29 6.10 4.37
C GLY A 98 -3.62 6.22 3.00
N HIS A 99 -4.08 5.40 2.06
CA HIS A 99 -3.75 5.50 0.63
C HIS A 99 -4.87 6.31 -0.03
N PRO A 100 -4.53 7.39 -0.76
CA PRO A 100 -5.57 8.32 -1.22
C PRO A 100 -6.46 7.83 -2.39
N GLY A 101 -6.18 6.63 -2.92
CA GLY A 101 -6.98 5.99 -3.96
C GLY A 101 -7.60 4.65 -3.59
N VAL A 102 -7.54 4.28 -2.31
CA VAL A 102 -8.10 3.02 -1.78
C VAL A 102 -9.39 3.36 -1.01
N PHE A 103 -10.54 2.98 -1.58
CA PHE A 103 -11.85 3.33 -1.03
C PHE A 103 -12.02 4.87 -0.89
N VAL A 104 -11.66 5.61 -1.95
CA VAL A 104 -11.82 7.08 -2.02
C VAL A 104 -12.37 7.50 -3.40
N ASN A 105 -13.50 8.21 -3.43
CA ASN A 105 -14.12 8.73 -4.66
C ASN A 105 -13.51 10.06 -5.21
N PRO A 106 -13.43 11.12 -4.39
CA PRO A 106 -13.08 12.44 -4.98
C PRO A 106 -11.66 12.60 -5.56
N SER A 107 -10.69 11.83 -5.06
CA SER A 107 -9.33 11.84 -5.62
C SER A 107 -9.30 11.41 -7.08
N HIS A 108 -9.90 10.25 -7.38
CA HIS A 108 -9.96 9.75 -8.77
C HIS A 108 -10.72 10.70 -9.71
N ARG A 109 -11.80 11.31 -9.22
CA ARG A 109 -12.58 12.28 -10.01
C ARG A 109 -11.75 13.51 -10.37
N ALA A 110 -11.12 14.12 -9.37
CA ALA A 110 -10.34 15.35 -9.58
C ALA A 110 -9.14 15.12 -10.51
N LEU A 111 -8.44 14.01 -10.32
CA LEU A 111 -7.30 13.64 -11.19
C LEU A 111 -7.71 13.39 -12.64
N ALA A 112 -8.83 12.69 -12.86
CA ALA A 112 -9.31 12.44 -14.22
C ALA A 112 -9.73 13.71 -14.96
N ILE A 113 -10.38 14.63 -14.25
CA ILE A 113 -10.78 15.94 -14.83
C ILE A 113 -9.53 16.77 -15.20
N ALA A 114 -8.57 16.85 -14.27
CA ALA A 114 -7.33 17.60 -14.49
C ALA A 114 -6.55 17.05 -15.70
N LYS A 115 -6.44 15.72 -15.79
CA LYS A 115 -5.75 15.06 -16.89
C LYS A 115 -6.43 15.30 -18.24
N SER A 116 -7.76 15.21 -18.28
CA SER A 116 -8.52 15.42 -19.52
C SER A 116 -8.44 16.85 -20.05
N GLU A 117 -8.26 17.83 -19.16
CA GLU A 117 -8.10 19.25 -19.53
C GLU A 117 -6.65 19.67 -19.83
N GLY A 118 -5.70 18.73 -19.73
CA GLY A 118 -4.31 18.95 -20.14
C GLY A 118 -3.33 19.44 -19.08
N TYR A 119 -3.69 19.29 -17.80
CA TYR A 119 -2.80 19.64 -16.68
C TYR A 119 -2.02 18.42 -16.21
N ARG A 120 -0.89 18.67 -15.56
N ARG A 120 -0.90 18.66 -15.54
CA ARG A 120 -0.10 17.60 -14.91
CA ARG A 120 -0.11 17.59 -14.94
C ARG A 120 -0.92 17.04 -13.75
C ARG A 120 -0.85 17.04 -13.72
N ALA A 121 -0.99 15.71 -13.66
CA ALA A 121 -1.82 15.02 -12.66
C ALA A 121 -1.16 13.72 -12.22
N ARG A 122 -1.02 13.52 -10.91
CA ARG A 122 -0.41 12.29 -10.37
C ARG A 122 -0.93 11.94 -8.98
N MET A 123 -1.08 10.65 -8.71
CA MET A 123 -1.34 10.13 -7.37
C MET A 123 -0.06 9.46 -6.85
N LEU A 124 0.33 9.82 -5.62
CA LEU A 124 1.40 9.14 -4.90
C LEU A 124 0.78 8.14 -3.92
N PRO A 125 1.21 6.85 -3.97
CA PRO A 125 0.64 5.85 -3.06
C PRO A 125 0.97 6.09 -1.59
N GLY A 126 0.12 5.56 -0.71
CA GLY A 126 0.38 5.57 0.74
C GLY A 126 0.01 4.25 1.38
N VAL A 127 0.19 4.19 2.71
CA VAL A 127 -0.09 3.01 3.52
C VAL A 127 -1.59 2.91 3.83
N SER A 128 -2.25 1.85 3.36
CA SER A 128 -3.69 1.67 3.60
C SER A 128 -4.03 0.92 4.90
N ALA A 129 -5.32 0.93 5.26
CA ALA A 129 -5.80 0.10 6.38
C ALA A 129 -5.56 -1.40 6.16
N GLU A 130 -5.61 -1.85 4.91
CA GLU A 130 -5.27 -3.24 4.58
C GLU A 130 -3.78 -3.54 4.79
N ASP A 131 -2.91 -2.60 4.41
CA ASP A 131 -1.46 -2.72 4.72
C ASP A 131 -1.23 -2.88 6.23
N CYS A 132 -1.94 -2.07 7.05
CA CYS A 132 -1.85 -2.18 8.51
C CYS A 132 -2.36 -3.54 9.00
N LEU A 133 -3.47 -4.00 8.42
CA LEU A 133 -4.05 -5.32 8.74
C LEU A 133 -3.06 -6.47 8.56
N PHE A 134 -2.37 -6.52 7.41
CA PHE A 134 -1.36 -7.57 7.17
C PHE A 134 -0.27 -7.53 8.26
N ALA A 135 0.20 -6.33 8.60
CA ALA A 135 1.24 -6.15 9.62
C ALA A 135 0.83 -6.55 11.04
N ASP A 136 -0.37 -6.16 11.45
CA ASP A 136 -0.88 -6.39 12.82
C ASP A 136 -1.44 -7.80 13.05
N LEU A 137 -2.06 -8.39 12.04
CA LEU A 137 -2.60 -9.75 12.14
C LEU A 137 -1.58 -10.85 11.75
N CYS A 138 -0.40 -10.44 11.26
CA CYS A 138 0.69 -11.35 10.92
C CYS A 138 0.33 -12.34 9.80
N ILE A 139 -0.25 -11.81 8.72
CA ILE A 139 -0.57 -12.59 7.52
C ILE A 139 0.06 -11.97 6.27
N ASP A 140 0.20 -12.80 5.24
CA ASP A 140 0.76 -12.39 3.95
C ASP A 140 -0.31 -12.64 2.90
N PRO A 141 -0.69 -11.61 2.10
CA PRO A 141 -1.71 -11.88 1.06
C PRO A 141 -1.37 -13.00 0.06
N SER A 142 -0.08 -13.24 -0.18
CA SER A 142 0.36 -14.33 -1.09
C SER A 142 0.00 -15.77 -0.64
N ASN A 143 -0.20 -15.97 0.66
CA ASN A 143 -0.39 -17.30 1.25
C ASN A 143 -1.69 -17.27 2.08
N PRO A 144 -2.86 -17.58 1.50
CA PRO A 144 -3.05 -18.27 0.22
C PRO A 144 -3.93 -17.48 -0.78
N GLY A 145 -3.58 -16.22 -1.02
CA GLY A 145 -4.37 -15.32 -1.89
C GLY A 145 -5.30 -14.46 -1.07
N CYS A 146 -5.72 -13.31 -1.62
CA CYS A 146 -6.54 -12.34 -0.88
C CYS A 146 -7.65 -11.73 -1.73
N LEU A 147 -8.87 -11.77 -1.21
CA LEU A 147 -10.05 -11.10 -1.79
C LEU A 147 -10.44 -9.91 -0.90
N THR A 148 -10.66 -8.75 -1.51
CA THR A 148 -10.94 -7.49 -0.80
C THR A 148 -12.20 -6.84 -1.41
N TYR A 149 -13.21 -6.59 -0.55
CA TYR A 149 -14.47 -5.96 -0.98
C TYR A 149 -14.95 -4.86 -0.02
N GLU A 150 -15.78 -3.97 -0.55
CA GLU A 150 -16.63 -3.07 0.24
C GLU A 150 -17.87 -3.87 0.70
N ALA A 151 -18.22 -3.79 1.98
CA ALA A 151 -19.25 -4.67 2.57
C ALA A 151 -20.65 -4.57 1.94
N SER A 152 -21.12 -3.35 1.65
CA SER A 152 -22.43 -3.18 0.98
C SER A 152 -22.41 -3.72 -0.46
N ASP A 153 -21.36 -3.40 -1.21
CA ASP A 153 -21.13 -3.94 -2.56
C ASP A 153 -21.09 -5.47 -2.57
N PHE A 154 -20.37 -6.04 -1.60
CA PHE A 154 -20.30 -7.49 -1.36
C PHE A 154 -21.69 -8.15 -1.30
N LEU A 155 -22.61 -7.50 -0.59
CA LEU A 155 -23.99 -8.00 -0.45
C LEU A 155 -24.87 -7.72 -1.67
N ILE A 156 -24.87 -6.46 -2.13
CA ILE A 156 -25.79 -6.03 -3.22
C ILE A 156 -25.50 -6.72 -4.55
N ARG A 157 -24.21 -6.88 -4.87
CA ARG A 157 -23.77 -7.57 -6.09
C ARG A 157 -23.49 -9.08 -5.91
N ASP A 158 -23.75 -9.61 -4.72
CA ASP A 158 -23.53 -11.04 -4.41
C ASP A 158 -22.14 -11.49 -4.88
N ARG A 159 -21.11 -10.78 -4.41
CA ARG A 159 -19.72 -11.03 -4.82
C ARG A 159 -19.27 -12.39 -4.24
N PRO A 160 -18.54 -13.20 -5.03
CA PRO A 160 -18.15 -14.53 -4.54
C PRO A 160 -17.07 -14.52 -3.45
N VAL A 161 -17.16 -15.48 -2.53
CA VAL A 161 -16.07 -15.75 -1.57
C VAL A 161 -15.30 -17.00 -2.01
N SER A 162 -14.04 -17.07 -1.60
CA SER A 162 -13.25 -18.29 -1.72
C SER A 162 -12.88 -18.76 -0.32
N ILE A 163 -13.40 -19.94 0.07
CA ILE A 163 -13.12 -20.50 1.40
C ILE A 163 -11.67 -20.94 1.62
N HIS A 164 -10.86 -20.97 0.55
CA HIS A 164 -9.44 -21.34 0.63
C HIS A 164 -8.48 -20.13 0.67
N SER A 165 -9.00 -18.91 0.55
CA SER A 165 -8.17 -17.68 0.57
C SER A 165 -8.60 -16.70 1.67
N HIS A 166 -7.75 -15.70 1.94
CA HIS A 166 -8.08 -14.59 2.86
C HIS A 166 -9.30 -13.80 2.32
N LEU A 167 -10.14 -13.29 3.23
CA LEU A 167 -11.21 -12.34 2.87
C LEU A 167 -11.11 -11.09 3.77
N VAL A 168 -11.07 -9.90 3.16
CA VAL A 168 -11.06 -8.61 3.87
C VAL A 168 -12.27 -7.76 3.45
N LEU A 169 -13.05 -7.29 4.43
CA LEU A 169 -14.24 -6.45 4.17
C LEU A 169 -14.12 -5.07 4.85
N PHE A 170 -14.10 -4.01 4.03
CA PHE A 170 -14.10 -2.60 4.50
C PHE A 170 -15.56 -2.11 4.72
N GLN A 171 -15.72 -1.09 5.55
CA GLN A 171 -17.01 -0.40 5.75
C GLN A 171 -18.13 -1.29 6.30
N VAL A 172 -17.75 -2.19 7.22
CA VAL A 172 -18.71 -3.08 7.89
C VAL A 172 -19.59 -2.35 8.91
N GLY A 173 -19.20 -1.12 9.28
CA GLY A 173 -20.03 -0.26 10.15
C GLY A 173 -21.09 0.63 9.51
N VAL A 175 -23.45 -0.57 6.68
CA VAL A 175 -24.09 -1.42 5.67
C VAL A 175 -25.36 -0.74 5.13
N GLY A 176 -25.35 -0.40 3.84
CA GLY A 176 -26.52 0.13 3.13
C GLY A 176 -26.84 1.62 3.22
N ILE A 177 -25.85 2.44 3.60
CA ILE A 177 -26.08 3.85 3.95
C ILE A 177 -25.44 4.80 2.91
N ALA A 178 -26.25 5.68 2.30
CA ALA A 178 -25.80 6.57 1.21
C ALA A 178 -25.47 8.01 1.62
N ASP A 179 -25.81 8.39 2.86
CA ASP A 179 -25.73 9.78 3.30
C ASP A 179 -24.77 9.91 4.51
N PHE A 180 -24.97 10.95 5.33
CA PHE A 180 -24.04 11.31 6.39
C PHE A 180 -24.79 11.85 7.62
N ASN A 181 -24.21 11.60 8.79
CA ASN A 181 -24.61 12.27 10.03
C ASN A 181 -23.38 12.46 10.92
N PHE A 182 -23.22 13.65 11.49
CA PHE A 182 -22.03 13.97 12.32
C PHE A 182 -21.91 13.08 13.56
N THR A 183 -23.04 12.66 14.12
CA THR A 183 -23.07 11.80 15.32
C THR A 183 -22.77 10.32 15.02
N GLY A 184 -22.70 9.95 13.74
CA GLY A 184 -22.35 8.60 13.33
C GLY A 184 -23.49 7.93 12.62
N PHE A 185 -23.21 6.75 12.06
CA PHE A 185 -24.18 6.01 11.27
C PHE A 185 -24.91 5.00 12.15
N ASP A 186 -26.23 4.91 11.95
CA ASP A 186 -27.07 3.92 12.62
C ASP A 186 -27.00 2.63 11.79
N ASN A 187 -26.22 1.66 12.27
CA ASN A 187 -25.90 0.43 11.51
C ASN A 187 -26.93 -0.68 11.74
N ASN A 188 -28.21 -0.35 11.52
CA ASN A 188 -29.32 -1.28 11.84
C ASN A 188 -29.53 -2.42 10.81
N LYS A 189 -28.81 -2.40 9.68
CA LYS A 189 -28.83 -3.51 8.71
C LYS A 189 -27.60 -4.44 8.78
N PHE A 190 -26.86 -4.35 9.89
CA PHE A 190 -25.68 -5.22 10.13
C PHE A 190 -26.03 -6.71 10.11
N GLY A 191 -27.23 -7.07 10.58
CA GLY A 191 -27.70 -8.46 10.54
C GLY A 191 -27.75 -9.11 9.16
N VAL A 192 -27.94 -8.31 8.12
CA VAL A 192 -27.94 -8.80 6.74
C VAL A 192 -26.54 -9.32 6.33
N LEU A 193 -25.49 -8.61 6.76
CA LEU A 193 -24.10 -9.06 6.54
C LEU A 193 -23.82 -10.37 7.27
N VAL A 194 -24.29 -10.48 8.52
CA VAL A 194 -24.05 -11.66 9.34
C VAL A 194 -24.72 -12.91 8.74
N ASP A 195 -25.92 -12.75 8.19
CA ASP A 195 -26.64 -13.86 7.50
C ASP A 195 -25.83 -14.42 6.32
N ARG A 196 -25.26 -13.52 5.52
CA ARG A 196 -24.40 -13.89 4.39
C ARG A 196 -23.13 -14.64 4.86
N LEU A 197 -22.48 -14.14 5.91
CA LEU A 197 -21.30 -14.84 6.44
C LEU A 197 -21.64 -16.23 6.99
N GLU A 198 -22.82 -16.38 7.61
CA GLU A 198 -23.29 -17.70 8.09
C GLU A 198 -23.49 -18.68 6.93
N GLN A 199 -24.12 -18.21 5.85
CA GLN A 199 -24.33 -19.02 4.65
C GLN A 199 -23.01 -19.51 4.03
N GLU A 200 -22.02 -18.62 3.96
CA GLU A 200 -20.74 -18.94 3.29
C GLU A 200 -19.76 -19.74 4.15
N TYR A 201 -19.70 -19.46 5.46
CA TYR A 201 -18.67 -20.01 6.35
C TYR A 201 -19.17 -20.91 7.49
N GLY A 202 -20.44 -20.79 7.89
CA GLY A 202 -20.97 -21.51 9.05
C GLY A 202 -20.94 -20.68 10.32
N ALA A 203 -21.82 -21.03 11.26
CA ALA A 203 -22.04 -20.24 12.48
C ALA A 203 -20.87 -20.21 13.48
N GLU A 204 -19.99 -21.21 13.43
CA GLU A 204 -18.85 -21.29 14.35
C GLU A 204 -17.49 -20.87 13.75
N HIS A 205 -17.48 -20.38 12.51
CA HIS A 205 -16.23 -19.94 11.86
C HIS A 205 -15.77 -18.59 12.43
N PRO A 206 -14.44 -18.38 12.59
CA PRO A 206 -13.97 -17.10 13.15
C PRO A 206 -14.08 -15.87 12.22
N VAL A 207 -14.35 -14.70 12.82
CA VAL A 207 -14.29 -13.39 12.17
C VAL A 207 -13.46 -12.48 13.10
N VAL A 208 -12.46 -11.79 12.55
CA VAL A 208 -11.61 -10.90 13.37
C VAL A 208 -12.03 -9.44 13.15
N HIS A 209 -12.44 -8.78 14.24
CA HIS A 209 -12.76 -7.35 14.23
C HIS A 209 -11.45 -6.59 14.38
N TYR A 210 -11.06 -5.85 13.33
CA TYR A 210 -9.77 -5.15 13.28
C TYR A 210 -9.92 -3.62 13.27
N ILE A 211 -9.25 -2.96 14.22
CA ILE A 211 -9.07 -1.50 14.18
C ILE A 211 -7.59 -1.19 14.43
N ALA A 212 -6.93 -0.65 13.41
CA ALA A 212 -5.54 -0.20 13.52
C ALA A 212 -5.46 0.98 14.48
N ALA A 213 -4.39 1.02 15.27
CA ALA A 213 -4.11 2.14 16.17
C ALA A 213 -3.88 3.42 15.37
N MET A 214 -4.57 4.49 15.75
CA MET A 214 -4.40 5.78 15.09
C MET A 214 -3.42 6.69 15.83
N MET A 215 -3.19 6.46 17.11
CA MET A 215 -2.15 7.19 17.85
C MET A 215 -0.98 6.28 18.19
N PRO A 216 0.24 6.85 18.30
CA PRO A 216 1.46 6.03 18.35
C PRO A 216 1.61 5.10 19.57
N HIS A 217 0.96 5.46 20.68
CA HIS A 217 1.04 4.68 21.92
C HIS A 217 -0.08 3.62 22.12
N GLN A 218 -1.08 3.64 21.23
N GLN A 218 -1.08 3.60 21.25
CA GLN A 218 -2.24 2.73 21.25
CA GLN A 218 -2.20 2.69 21.42
C GLN A 218 -1.86 1.33 20.76
C GLN A 218 -1.99 1.37 20.69
N ASP A 219 -2.62 0.33 21.21
CA ASP A 219 -2.55 -1.01 20.62
C ASP A 219 -3.73 -1.18 19.65
N PRO A 220 -3.56 -2.02 18.61
CA PRO A 220 -4.68 -2.27 17.72
C PRO A 220 -5.74 -3.15 18.38
N VAL A 221 -6.97 -3.08 17.87
CA VAL A 221 -8.02 -4.03 18.24
C VAL A 221 -7.89 -5.22 17.29
N THR A 222 -7.71 -6.42 17.85
CA THR A 222 -7.62 -7.66 17.08
C THR A 222 -8.47 -8.75 17.76
N ASP A 223 -9.80 -8.54 17.77
CA ASP A 223 -10.73 -9.40 18.54
C ASP A 223 -11.43 -10.45 17.68
N LYS A 224 -11.22 -11.72 17.98
N LYS A 224 -11.20 -11.72 17.98
CA LYS A 224 -11.81 -12.83 17.23
CA LYS A 224 -11.83 -12.85 17.28
C LYS A 224 -13.16 -13.26 17.83
C LYS A 224 -13.21 -13.14 17.86
N TYR A 225 -14.20 -13.31 16.98
CA TYR A 225 -15.54 -13.77 17.36
C TYR A 225 -15.98 -14.87 16.39
N THR A 226 -16.96 -15.68 16.79
CA THR A 226 -17.64 -16.58 15.84
C THR A 226 -18.64 -15.74 15.06
N VAL A 227 -19.06 -16.24 13.89
CA VAL A 227 -20.13 -15.58 13.12
C VAL A 227 -21.37 -15.40 14.01
N ALA A 228 -21.73 -16.46 14.76
CA ALA A 228 -22.88 -16.44 15.68
C ALA A 228 -22.81 -15.35 16.76
N GLN A 229 -21.61 -15.10 17.30
CA GLN A 229 -21.41 -14.03 18.30
C GLN A 229 -21.71 -12.62 17.80
N LEU A 230 -21.57 -12.38 16.49
CA LEU A 230 -21.89 -11.06 15.90
C LEU A 230 -23.37 -10.65 16.01
N ARG A 231 -24.25 -11.62 16.25
CA ARG A 231 -25.68 -11.34 16.48
C ARG A 231 -25.99 -10.79 17.87
N GLU A 232 -25.05 -10.92 18.82
CA GLU A 232 -25.24 -10.41 20.18
C GLU A 232 -25.17 -8.88 20.18
N PRO A 233 -26.18 -8.18 20.75
CA PRO A 233 -26.20 -6.70 20.70
C PRO A 233 -24.97 -5.98 21.28
N GLU A 234 -24.35 -6.57 22.32
CA GLU A 234 -23.19 -5.96 22.96
C GLU A 234 -21.94 -6.00 22.06
N ILE A 235 -21.81 -7.07 21.29
CA ILE A 235 -20.70 -7.23 20.34
C ILE A 235 -20.94 -6.41 19.07
N ALA A 236 -22.16 -6.47 18.51
CA ALA A 236 -22.50 -5.71 17.30
C ALA A 236 -22.32 -4.19 17.44
N LYS A 237 -22.57 -3.67 18.65
CA LYS A 237 -22.42 -2.24 18.95
C LYS A 237 -20.97 -1.72 18.89
N ARG A 238 -20.00 -2.62 19.04
CA ARG A 238 -18.56 -2.25 18.97
C ARG A 238 -18.06 -1.93 17.55
N VAL A 239 -18.83 -2.29 16.53
CA VAL A 239 -18.44 -2.11 15.11
C VAL A 239 -18.83 -0.69 14.69
N GLY A 240 -17.84 0.10 14.26
CA GLY A 240 -18.04 1.50 13.90
C GLY A 240 -17.41 1.92 12.58
N GLY A 241 -17.20 3.22 12.43
CA GLY A 241 -16.75 3.83 11.19
C GLY A 241 -15.32 3.51 10.73
N VAL A 242 -14.46 3.09 11.66
CA VAL A 242 -13.08 2.68 11.31
C VAL A 242 -12.85 1.16 11.52
N SER A 243 -13.93 0.37 11.48
CA SER A 243 -13.85 -1.08 11.65
C SER A 243 -13.71 -1.80 10.30
N THR A 244 -12.85 -2.82 10.27
CA THR A 244 -12.65 -3.71 9.12
C THR A 244 -12.76 -5.16 9.62
N PHE A 245 -13.32 -6.08 8.82
CA PHE A 245 -13.32 -7.52 9.16
C PHE A 245 -12.30 -8.30 8.35
N TYR A 246 -11.61 -9.24 9.02
CA TYR A 246 -10.78 -10.27 8.37
C TYR A 246 -11.39 -11.64 8.66
N ILE A 247 -11.65 -12.42 7.60
CA ILE A 247 -12.18 -13.78 7.73
C ILE A 247 -11.15 -14.75 7.17
N PRO A 248 -10.56 -15.62 8.02
CA PRO A 248 -9.53 -16.55 7.54
C PRO A 248 -10.10 -17.72 6.73
N PRO A 249 -9.25 -18.42 5.95
CA PRO A 249 -9.70 -19.59 5.18
C PRO A 249 -10.27 -20.70 6.07
N LYS A 250 -11.18 -21.50 5.49
CA LYS A 250 -11.75 -22.67 6.16
C LYS A 250 -10.94 -23.94 5.93
N ALA A 251 -10.24 -24.02 4.79
CA ALA A 251 -9.52 -25.23 4.42
C ALA A 251 -8.35 -24.95 3.47
N ARG A 252 -7.53 -25.98 3.27
CA ARG A 252 -6.37 -25.96 2.38
C ARG A 252 -6.75 -26.53 1.03
N LYS A 253 -6.36 -25.86 -0.05
CA LYS A 253 -6.67 -26.32 -1.41
C LYS A 253 -5.56 -27.23 -1.93
N ALA A 254 -5.96 -28.32 -2.59
CA ALA A 254 -5.01 -29.31 -3.13
C ALA A 254 -4.40 -28.87 -4.46
N SER A 255 -3.28 -29.50 -4.82
CA SER A 255 -2.60 -29.22 -6.09
C SER A 255 -3.19 -29.95 -7.29
N ASN A 256 -3.03 -29.33 -8.45
CA ASN A 256 -3.55 -29.79 -9.75
C ASN A 256 -2.47 -30.68 -10.42
N LEU A 257 -2.80 -31.93 -10.75
CA LEU A 257 -1.81 -32.87 -11.32
C LEU A 257 -1.26 -32.45 -12.70
N ASP A 258 -2.13 -31.95 -13.57
CA ASP A 258 -1.73 -31.48 -14.91
C ASP A 258 -0.69 -30.35 -14.84
N ILE A 259 -0.87 -29.42 -13.90
CA ILE A 259 0.06 -28.29 -13.73
C ILE A 259 1.39 -28.76 -13.14
N ILE A 260 1.35 -29.65 -12.15
CA ILE A 260 2.56 -30.28 -11.58
C ILE A 260 3.43 -30.90 -12.71
N ARG A 261 2.78 -31.60 -13.64
CA ARG A 261 3.47 -32.20 -14.80
C ARG A 261 4.09 -31.19 -15.75
N ARG A 262 3.30 -30.18 -16.14
CA ARG A 262 3.73 -29.18 -17.11
C ARG A 262 4.80 -28.23 -16.56
N LEU A 263 4.79 -27.98 -15.25
CA LEU A 263 5.84 -27.19 -14.59
C LEU A 263 7.03 -28.05 -14.12
N GLU A 264 6.91 -29.36 -14.23
CA GLU A 264 8.00 -30.33 -13.97
C GLU A 264 8.49 -30.29 -12.51
N LEU A 265 7.54 -30.38 -11.58
CA LEU A 265 7.81 -30.38 -10.14
C LEU A 265 7.78 -31.81 -9.59
N LEU A 266 8.46 -32.72 -10.28
CA LEU A 266 8.36 -34.16 -9.99
C LEU A 266 9.72 -34.84 -10.22
N PRO A 267 10.11 -35.76 -9.30
CA PRO A 267 11.22 -36.70 -9.53
C PRO A 267 10.71 -38.13 -9.80
N ALA A 268 9.65 -38.24 -10.61
CA ALA A 268 8.86 -39.47 -10.76
C ALA A 268 8.28 -39.97 -9.43
N GLY A 269 7.96 -39.02 -8.54
CA GLY A 269 7.52 -39.30 -7.17
C GLY A 269 6.37 -38.38 -6.80
N GLN A 270 6.47 -37.70 -5.65
CA GLN A 270 5.39 -36.84 -5.14
C GLN A 270 5.89 -35.63 -4.36
N VAL A 271 5.10 -34.55 -4.41
CA VAL A 271 5.40 -33.28 -3.70
C VAL A 271 4.90 -33.38 -2.25
N PRO A 272 5.10 -32.32 -1.42
CA PRO A 272 4.52 -32.34 -0.06
C PRO A 272 2.99 -32.34 -0.01
N ASP A 273 2.44 -32.73 1.14
CA ASP A 273 0.99 -32.73 1.36
C ASP A 273 0.47 -31.29 1.39
N LYS A 274 -0.82 -31.10 1.06
CA LYS A 274 -1.46 -29.78 1.10
C LYS A 274 -1.45 -29.12 2.49
N LYS A 275 -1.32 -29.91 3.56
CA LYS A 275 -1.11 -29.41 4.93
C LYS A 275 0.27 -29.81 5.48
N ALA A 276 1.32 -29.58 4.69
CA ALA A 276 2.73 -29.71 5.12
C ALA A 276 3.33 -28.30 5.11
N ARG A 277 2.88 -27.48 6.05
CA ARG A 277 2.92 -26.02 5.92
C ARG A 277 4.28 -25.40 6.24
N ILE A 278 4.56 -24.26 5.62
CA ILE A 278 5.78 -23.49 5.87
C ILE A 278 5.56 -22.67 7.13
N TYR A 279 6.55 -22.69 8.05
CA TYR A 279 6.44 -21.93 9.31
C TYR A 279 6.57 -20.42 9.01
N PRO A 280 5.74 -19.56 9.62
CA PRO A 280 4.70 -19.90 10.59
C PRO A 280 3.33 -20.07 9.96
N ALA A 281 2.46 -20.83 10.62
CA ALA A 281 1.08 -20.99 10.18
C ALA A 281 0.22 -19.78 10.60
N ASN A 282 -0.87 -19.58 9.86
CA ASN A 282 -1.85 -18.53 10.15
C ASN A 282 -2.55 -18.84 11.48
N GLN A 283 -2.33 -17.96 12.47
N GLN A 283 -2.35 -17.98 12.48
CA GLN A 283 -2.85 -18.14 13.83
CA GLN A 283 -2.87 -18.26 13.84
C GLN A 283 -4.38 -18.06 13.96
C GLN A 283 -4.39 -18.05 13.98
N TRP A 284 -5.04 -17.42 12.99
CA TRP A 284 -6.50 -17.17 13.02
C TRP A 284 -7.34 -18.29 12.41
N GLU A 285 -6.69 -19.17 11.65
CA GLU A 285 -7.37 -20.25 10.93
C GLU A 285 -7.80 -21.33 11.92
N PRO A 286 -9.06 -21.82 11.83
CA PRO A 286 -9.54 -22.79 12.83
C PRO A 286 -8.87 -24.16 12.71
N ASP A 287 -8.54 -24.76 13.85
CA ASP A 287 -7.95 -26.10 13.93
C ASP A 287 -6.64 -26.25 13.15
N VAL A 288 -5.82 -25.20 13.17
CA VAL A 288 -4.51 -25.23 12.53
C VAL A 288 -3.50 -25.93 13.47
N PRO A 289 -2.81 -26.97 12.98
CA PRO A 289 -1.83 -27.67 13.82
C PRO A 289 -0.53 -26.87 13.94
N GLU A 290 0.25 -27.16 14.98
CA GLU A 290 1.49 -26.43 15.24
C GLU A 290 2.60 -26.89 14.30
N VAL A 291 3.33 -25.92 13.76
CA VAL A 291 4.36 -26.16 12.75
C VAL A 291 5.74 -25.99 13.40
N GLU A 292 6.66 -26.91 13.10
CA GLU A 292 8.00 -26.91 13.69
C GLU A 292 8.89 -25.84 13.02
N PRO A 293 9.39 -24.86 13.79
CA PRO A 293 10.28 -23.85 13.19
C PRO A 293 11.71 -24.32 12.88
N TYR A 294 12.22 -25.31 13.62
CA TYR A 294 13.58 -25.80 13.44
C TYR A 294 13.61 -27.30 13.08
N ARG A 295 13.25 -27.60 11.84
CA ARG A 295 13.35 -28.95 11.26
C ARG A 295 14.83 -29.27 10.96
N PRO A 296 15.15 -30.56 10.72
CA PRO A 296 16.53 -30.93 10.34
C PRO A 296 17.13 -30.10 9.19
N SER A 297 16.33 -29.83 8.16
CA SER A 297 16.77 -29.00 7.03
C SER A 297 17.08 -27.55 7.47
N ASP A 298 16.28 -27.00 8.38
CA ASP A 298 16.53 -25.66 8.94
C ASP A 298 17.86 -25.63 9.71
N GLN A 299 18.09 -26.67 10.52
CA GLN A 299 19.31 -26.80 11.32
C GLN A 299 20.58 -26.89 10.48
N ALA A 300 20.52 -27.64 9.37
CA ALA A 300 21.66 -27.75 8.45
C ALA A 300 22.00 -26.42 7.76
N ALA A 301 20.97 -25.66 7.37
CA ALA A 301 21.19 -24.34 6.76
C ALA A 301 21.87 -23.36 7.71
N ILE A 302 21.46 -23.39 8.98
CA ILE A 302 22.05 -22.53 10.01
C ILE A 302 23.50 -22.91 10.30
N ALA A 303 23.80 -24.22 10.28
CA ALA A 303 25.18 -24.71 10.43
C ALA A 303 26.14 -24.18 9.35
N GLN A 304 25.63 -23.91 8.14
CA GLN A 304 26.46 -23.38 7.05
C GLN A 304 26.85 -21.90 7.20
N LEU A 305 26.22 -21.16 8.12
CA LEU A 305 26.57 -19.74 8.35
C LEU A 305 28.01 -19.49 8.81
N ALA A 306 28.57 -20.42 9.58
CA ALA A 306 29.93 -20.28 10.11
C ALA A 306 31.00 -20.06 9.02
N ASP A 307 30.95 -20.87 7.97
CA ASP A 307 31.92 -20.81 6.86
C ASP A 307 31.45 -20.00 5.64
N HIS A 308 30.43 -19.15 5.80
CA HIS A 308 29.86 -18.40 4.67
C HIS A 308 30.77 -17.25 4.23
N ALA A 309 30.88 -17.06 2.92
CA ALA A 309 31.51 -15.88 2.31
C ALA A 309 30.59 -15.36 1.20
N PRO A 310 30.67 -14.05 0.87
CA PRO A 310 29.82 -13.54 -0.21
C PRO A 310 30.13 -14.26 -1.54
N PRO A 311 29.10 -14.65 -2.31
CA PRO A 311 29.36 -15.32 -3.59
C PRO A 311 30.14 -14.44 -4.58
N GLU A 312 30.80 -15.08 -5.54
CA GLU A 312 31.65 -14.36 -6.50
C GLU A 312 30.86 -13.37 -7.37
N GLN A 313 29.58 -13.68 -7.64
CA GLN A 313 28.71 -12.81 -8.47
C GLN A 313 27.91 -11.75 -7.68
N TYR A 314 28.12 -11.66 -6.36
CA TYR A 314 27.50 -10.59 -5.53
C TYR A 314 28.06 -9.22 -5.93
N GLN A 315 27.20 -8.20 -5.97
CA GLN A 315 27.57 -6.85 -6.43
C GLN A 315 27.62 -5.83 -5.27
N PRO A 316 28.82 -5.55 -4.71
CA PRO A 316 28.87 -4.62 -3.58
C PRO A 316 28.63 -3.16 -3.95
N LEU A 317 27.99 -2.40 -3.06
CA LEU A 317 27.83 -0.96 -3.24
C LEU A 317 29.20 -0.28 -3.31
N ALA A 318 29.37 0.61 -4.29
CA ALA A 318 30.62 1.36 -4.48
C ALA A 318 30.26 2.71 -5.10
N THR A 319 29.89 3.65 -4.23
CA THR A 319 29.43 4.97 -4.67
C THR A 319 30.24 6.04 -3.94
N SER A 320 29.80 7.29 -4.04
CA SER A 320 30.49 8.42 -3.41
C SER A 320 29.47 9.28 -2.67
N LYS A 321 29.95 10.14 -1.77
CA LYS A 321 29.09 11.09 -1.07
C LYS A 321 28.34 12.00 -2.06
N ALA A 322 29.04 12.47 -3.09
CA ALA A 322 28.43 13.40 -4.06
C ALA A 322 27.27 12.77 -4.84
N MET A 323 27.45 11.51 -5.25
CA MET A 323 26.40 10.78 -5.98
C MET A 323 25.21 10.41 -5.11
N SER A 324 25.49 9.89 -3.91
N SER A 324 25.47 9.91 -3.90
CA SER A 324 24.42 9.59 -2.95
CA SER A 324 24.39 9.59 -2.96
C SER A 324 23.62 10.85 -2.60
C SER A 324 23.62 10.85 -2.54
N ASP A 325 24.31 11.97 -2.37
CA ASP A 325 23.64 13.26 -2.09
C ASP A 325 22.71 13.74 -3.20
N VAL A 326 23.13 13.62 -4.47
CA VAL A 326 22.27 14.05 -5.58
C VAL A 326 21.04 13.12 -5.74
N MET A 327 21.23 11.81 -5.62
CA MET A 327 20.10 10.88 -5.73
C MET A 327 19.06 11.07 -4.59
N THR A 328 19.56 11.39 -3.39
CA THR A 328 18.70 11.74 -2.25
C THR A 328 17.94 13.05 -2.51
N LYS A 329 18.63 14.06 -3.03
CA LYS A 329 18.00 15.35 -3.36
C LYS A 329 16.88 15.20 -4.41
N LEU A 330 17.11 14.39 -5.44
CA LEU A 330 16.06 14.15 -6.46
C LEU A 330 14.80 13.48 -5.87
N ALA A 331 14.98 12.63 -4.85
CA ALA A 331 13.84 11.99 -4.16
C ALA A 331 13.12 12.91 -3.16
N LEU A 332 13.83 13.86 -2.56
CA LEU A 332 13.26 14.68 -1.46
C LEU A 332 13.01 16.16 -1.76
N ASP A 333 13.45 16.65 -2.93
CA ASP A 333 13.27 18.05 -3.32
C ASP A 333 12.54 18.11 -4.69
N PRO A 334 11.20 18.33 -4.68
CA PRO A 334 10.42 18.38 -5.93
C PRO A 334 10.90 19.41 -6.96
N LYS A 335 11.43 20.54 -6.50
CA LYS A 335 11.99 21.57 -7.39
C LYS A 335 13.26 21.08 -8.12
N ALA A 336 14.14 20.41 -7.39
CA ALA A 336 15.35 19.82 -7.99
C ALA A 336 15.00 18.76 -9.04
N LEU A 337 14.02 17.90 -8.74
CA LEU A 337 13.56 16.88 -9.70
C LEU A 337 13.02 17.50 -10.98
N ALA A 338 12.19 18.54 -10.86
CA ALA A 338 11.64 19.24 -12.02
C ALA A 338 12.75 19.86 -12.88
N ASP A 339 13.73 20.47 -12.22
CA ASP A 339 14.90 21.04 -12.91
C ASP A 339 15.71 19.97 -13.65
N TYR A 340 15.93 18.82 -13.01
CA TYR A 340 16.65 17.70 -13.63
C TYR A 340 15.90 17.17 -14.85
N LYS A 341 14.60 16.92 -14.70
CA LYS A 341 13.77 16.41 -15.81
C LYS A 341 13.70 17.36 -17.02
N ALA A 342 13.79 18.66 -16.78
CA ALA A 342 13.74 19.66 -17.85
C ALA A 342 15.02 19.68 -18.71
N ASP A 343 16.17 19.38 -18.09
CA ASP A 343 17.46 19.41 -18.79
C ASP A 343 18.51 18.56 -18.04
N HIS A 344 18.55 17.27 -18.35
CA HIS A 344 19.49 16.33 -17.71
C HIS A 344 20.93 16.82 -17.75
N ARG A 345 21.38 17.28 -18.92
CA ARG A 345 22.77 17.65 -19.12
C ARG A 345 23.17 18.92 -18.37
N ALA A 346 22.34 19.95 -18.44
CA ALA A 346 22.57 21.18 -17.69
C ALA A 346 22.60 20.94 -16.17
N PHE A 347 21.64 20.16 -15.68
CA PHE A 347 21.60 19.82 -14.24
C PHE A 347 22.86 19.06 -13.82
N ALA A 348 23.20 18.01 -14.56
CA ALA A 348 24.37 17.16 -14.27
C ALA A 348 25.69 17.95 -14.28
N GLN A 349 25.83 18.87 -15.22
CA GLN A 349 27.00 19.76 -15.29
C GLN A 349 27.19 20.63 -14.03
N SER A 350 26.07 21.04 -13.43
CA SER A 350 26.07 21.94 -12.27
C SER A 350 26.32 21.27 -10.90
N VAL A 351 26.32 19.93 -10.84
CA VAL A 351 26.56 19.21 -9.58
C VAL A 351 28.08 19.09 -9.36
N PRO A 352 28.60 19.64 -8.24
CA PRO A 352 30.04 19.57 -8.01
C PRO A 352 30.45 18.21 -7.41
N ASP A 353 31.73 17.88 -7.59
CA ASP A 353 32.38 16.71 -6.98
C ASP A 353 32.00 15.33 -7.55
N LEU A 354 31.16 15.28 -8.59
CA LEU A 354 30.84 14.01 -9.25
C LEU A 354 32.04 13.55 -10.08
N THR A 355 32.21 12.23 -10.16
CA THR A 355 33.25 11.63 -11.01
C THR A 355 32.78 11.65 -12.47
N PRO A 356 33.70 11.45 -13.42
CA PRO A 356 33.30 11.38 -14.83
C PRO A 356 32.19 10.38 -15.13
N GLN A 357 32.27 9.17 -14.56
CA GLN A 357 31.24 8.14 -14.80
C GLN A 357 29.88 8.56 -14.22
N GLU A 358 29.89 9.08 -12.99
CA GLU A 358 28.68 9.57 -12.30
C GLU A 358 28.00 10.68 -13.12
N ARG A 359 28.81 11.63 -13.59
N ARG A 359 28.81 11.61 -13.60
CA ARG A 359 28.33 12.73 -14.43
CA ARG A 359 28.33 12.72 -14.41
C ARG A 359 27.67 12.23 -15.72
C ARG A 359 27.68 12.24 -15.72
N ALA A 360 28.33 11.29 -16.40
CA ALA A 360 27.80 10.70 -17.64
C ALA A 360 26.49 9.93 -17.43
N ALA A 361 26.40 9.20 -16.31
CA ALA A 361 25.18 8.46 -15.95
C ALA A 361 23.98 9.39 -15.73
N LEU A 362 24.19 10.52 -15.04
CA LEU A 362 23.11 11.50 -14.83
C LEU A 362 22.69 12.21 -16.12
N GLU A 363 23.66 12.55 -16.98
CA GLU A 363 23.38 13.11 -18.30
C GLU A 363 22.42 12.23 -19.10
N LEU A 364 22.65 10.92 -19.08
CA LEU A 364 21.80 9.95 -19.79
C LEU A 364 20.47 9.77 -19.08
N GLY A 365 20.53 9.53 -17.77
CA GLY A 365 19.34 9.29 -16.95
C GLY A 365 18.80 7.87 -16.97
N ASP A 366 19.45 6.98 -17.74
CA ASP A 366 18.99 5.60 -17.87
C ASP A 366 19.28 4.83 -16.58
N SER A 367 18.30 4.00 -16.18
CA SER A 367 18.37 3.21 -14.95
C SER A 367 19.60 2.34 -14.83
N TRP A 368 19.97 1.64 -15.90
CA TRP A 368 21.12 0.75 -15.88
C TRP A 368 22.45 1.49 -15.77
N ALA A 369 22.53 2.68 -16.36
CA ALA A 369 23.74 3.52 -16.25
C ALA A 369 23.99 3.97 -14.80
N ILE A 370 22.92 4.44 -14.15
CA ILE A 370 23.00 4.88 -12.75
C ILE A 370 23.37 3.73 -11.82
N ARG A 371 22.71 2.59 -12.01
CA ARG A 371 23.04 1.37 -11.24
C ARG A 371 24.49 0.93 -11.39
N CYS A 372 25.00 0.93 -12.63
N CYS A 372 24.96 0.91 -12.65
CA CYS A 372 26.38 0.53 -12.87
CA CYS A 372 26.37 0.62 -13.02
C CYS A 372 27.42 1.55 -12.35
C CYS A 372 27.37 1.54 -12.31
N ALA A 373 27.02 2.82 -12.17
CA ALA A 373 27.89 3.81 -11.52
C ALA A 373 27.96 3.66 -9.98
N MET A 374 26.94 3.06 -9.38
CA MET A 374 26.84 2.93 -7.92
C MET A 374 27.15 1.55 -7.34
N LYS A 375 27.28 0.52 -8.20
CA LYS A 375 27.55 -0.86 -7.78
C LYS A 375 28.70 -1.45 -8.62
N ASN A 376 29.59 -2.20 -7.98
CA ASN A 376 30.68 -2.89 -8.69
C ASN A 376 30.16 -4.24 -9.25
N MET A 377 30.24 -4.41 -10.56
CA MET A 377 29.78 -5.64 -11.22
C MET A 377 30.98 -6.54 -11.51
N PRO A 378 31.06 -7.74 -10.88
CA PRO A 378 32.23 -8.61 -11.10
C PRO A 378 32.30 -9.20 -12.50
N SER A 379 33.51 -9.52 -12.97
CA SER A 379 33.72 -10.10 -14.30
C SER A 379 33.03 -11.46 -14.49
N SER A 380 32.98 -12.26 -13.42
N SER A 380 32.98 -12.26 -13.42
CA SER A 380 32.30 -13.56 -13.43
CA SER A 380 32.30 -13.56 -13.43
C SER A 380 30.81 -13.46 -13.78
C SER A 380 30.81 -13.46 -13.78
N LEU A 381 30.14 -12.42 -13.26
CA LEU A 381 28.72 -12.18 -13.55
C LEU A 381 28.49 -11.77 -15.01
N LEU A 382 29.27 -10.78 -15.48
CA LEU A 382 29.09 -10.23 -16.84
C LEU A 382 29.40 -11.21 -17.97
N ASP A 383 30.32 -12.15 -17.73
CA ASP A 383 30.62 -13.20 -18.71
C ASP A 383 29.46 -14.18 -18.94
N ALA A 384 28.64 -14.40 -17.90
CA ALA A 384 27.46 -15.28 -17.97
C ALA A 384 26.12 -14.54 -18.11
N ALA A 385 26.10 -13.24 -17.81
CA ALA A 385 24.85 -12.50 -17.57
C ALA A 385 23.99 -12.21 -18.81
N ARG A 386 24.62 -11.82 -19.92
CA ARG A 386 23.91 -11.40 -21.15
C ARG A 386 23.18 -10.07 -20.90
N GLU A 387 23.87 -8.97 -21.16
CA GLU A 387 23.40 -7.62 -20.79
C GLU A 387 22.37 -7.07 -21.78
N SER A 388 22.75 -7.02 -23.06
CA SER A 388 21.93 -6.39 -24.11
C SER A 388 20.69 -7.21 -24.47
N GLY A 389 20.90 -8.50 -24.76
CA GLY A 389 19.80 -9.39 -25.14
C GLY A 389 20.21 -10.84 -25.30
N GLN A 394 18.67 -2.25 -15.27
CA GLN A 394 18.33 -2.92 -16.53
C GLN A 394 16.94 -3.55 -16.48
N ASN A 395 16.55 -4.19 -17.57
CA ASN A 395 15.33 -4.98 -17.63
C ASN A 395 15.53 -6.29 -16.87
N GLY A 396 16.59 -7.01 -17.20
CA GLY A 396 16.90 -8.32 -16.61
C GLY A 396 18.03 -8.36 -15.59
N PHE A 397 18.18 -7.31 -14.79
CA PHE A 397 19.07 -7.33 -13.61
C PHE A 397 18.49 -7.17 -12.18
N PRO A 398 17.26 -6.62 -12.02
CA PRO A 398 16.71 -6.63 -10.65
C PRO A 398 15.90 -7.91 -10.35
N TRP A 399 16.55 -8.88 -9.71
CA TRP A 399 15.93 -10.16 -9.34
C TRP A 399 16.02 -10.38 -7.82
N ILE A 401 13.52 -11.86 -5.16
CA ILE A 401 12.23 -12.43 -4.75
C ILE A 401 12.35 -13.03 -3.34
N VAL A 403 9.97 -14.78 -1.27
CA VAL A 403 8.95 -15.74 -0.85
C VAL A 403 8.91 -16.90 -1.85
N GLY A 404 8.55 -18.09 -1.36
CA GLY A 404 8.41 -19.28 -2.19
C GLY A 404 7.12 -19.99 -1.86
N VAL A 405 6.50 -20.60 -2.87
CA VAL A 405 5.27 -21.39 -2.69
C VAL A 405 5.53 -22.86 -3.01
#